data_4X5Y
#
_entry.id   4X5Y
#
_cell.length_a   48.378
_cell.length_b   79.732
_cell.length_c   124.747
_cell.angle_alpha   90.000
_cell.angle_beta   90.000
_cell.angle_gamma   90.000
#
_symmetry.space_group_name_H-M   'P 21 21 21'
#
loop_
_entity.id
_entity.type
_entity.pdbx_description
1 polymer Menin
2 non-polymer 4-methyl-1-(1H-pyrazol-4-ylmethyl)-5-[(4-{[6-(2,2,2-trifluoroethyl)thieno[2,3-d]pyrimidin-4-yl]amino}piperidin-1-yl)methyl]-1H-indole-2-carbonitrile
3 non-polymer 'DIMETHYL SULFOXIDE'
4 non-polymer 'TETRAETHYLENE GLYCOL'
5 non-polymer 'SULFATE ION'
6 non-polymer 1,2-ETHANEDIOL
7 non-polymer '4-(2-HYDROXYETHYL)-1-PIPERAZINE ETHANESULFONIC ACID'
8 water water
#
_entity_poly.entity_id   1
_entity_poly.type   'polypeptide(L)'
_entity_poly.pdbx_seq_one_letter_code
;GGSSSMGLKAAQKTLFPLRSIDDVVRLFAAELGREEPDLVLLSLVLGFVEHFLAVNRVGLTYFPVADLSIIAALYARFTA
QIRGAVDLSLYPREGGVSSRELVKKVSDVIWNSLSRSYFKDRAHIQSLFSFITGTKLDSSGVAFAVVGACQALGLRDVHL
ALSEDHAWVVFGPNGEQTAEVTWHGKGNEDRRGQTVNAGVAERSWLYLKGSYMRCDRKMEVAFMVCAINPSIDLHTDSLE
LLQLQQKLLWLLYDLGHLERYPMALGNLADLEELEPTPGRPDPLTLYHKGIASAKTYYRDEHIYPYMYLAGYHCRNRNVR
EALQAWADTATVIQDYNYCREDEEIYKEFFEVANDVIPNLLKEAASLLEAGSQGSALQDPECFAHLLRFYDGICKWEEGS
PTPVLHVGWATFLVQSLGRFEGQVRQKVRIVSVPAPAASPPPEGPVLTFQSEKMKGMKELLVATKINSSAIKLQLTAQSQ
VQMKKQKVS
;
_entity_poly.pdbx_strand_id   A
#
# COMPACT_ATOMS: atom_id res chain seq x y z
N GLY A 7 -1.38 -23.72 -20.46
CA GLY A 7 -1.90 -24.30 -21.73
C GLY A 7 -3.38 -24.16 -22.04
N LEU A 8 -4.28 -24.53 -21.12
CA LEU A 8 -3.96 -25.20 -19.86
C LEU A 8 -3.39 -26.57 -20.12
N LYS A 9 -2.47 -26.94 -19.27
CA LYS A 9 -1.81 -28.20 -19.37
C LYS A 9 -2.55 -29.20 -18.49
N ALA A 10 -2.46 -30.50 -18.83
CA ALA A 10 -3.17 -31.53 -18.08
C ALA A 10 -2.96 -31.49 -16.58
N ALA A 11 -1.71 -31.31 -16.14
CA ALA A 11 -1.37 -31.30 -14.73
C ALA A 11 -1.96 -30.13 -13.95
N GLN A 12 -2.25 -29.05 -14.68
CA GLN A 12 -2.95 -27.93 -14.09
C GLN A 12 -4.43 -28.20 -13.84
N LYS A 13 -4.98 -29.25 -14.48
CA LYS A 13 -6.42 -29.53 -14.43
C LYS A 13 -6.87 -30.55 -13.39
N THR A 14 -5.91 -31.33 -12.88
CA THR A 14 -6.21 -32.49 -12.01
C THR A 14 -6.95 -32.18 -10.70
N LEU A 15 -6.76 -31.01 -10.09
CA LEU A 15 -7.46 -30.69 -8.84
C LEU A 15 -8.93 -30.26 -9.00
N PHE A 16 -9.32 -29.90 -10.22
CA PHE A 16 -10.72 -29.50 -10.43
C PHE A 16 -11.65 -30.71 -10.33
N PRO A 17 -12.87 -30.50 -9.85
CA PRO A 17 -13.42 -29.17 -9.47
C PRO A 17 -12.94 -28.67 -8.10
N LEU A 18 -12.86 -27.34 -7.91
CA LEU A 18 -12.50 -26.75 -6.64
C LEU A 18 -13.73 -26.57 -5.83
N ARG A 19 -13.86 -27.36 -4.77
CA ARG A 19 -15.10 -27.32 -4.00
C ARG A 19 -15.06 -26.65 -2.66
N SER A 20 -13.90 -26.12 -2.27
CA SER A 20 -13.70 -25.46 -1.00
C SER A 20 -12.54 -24.52 -1.04
N ILE A 21 -12.41 -23.75 0.05
CA ILE A 21 -11.27 -22.87 0.34
C ILE A 21 -10.01 -23.71 0.24
N ASP A 22 -9.99 -24.85 0.95
CA ASP A 22 -8.79 -25.63 0.90
C ASP A 22 -8.44 -26.19 -0.45
N ASP A 23 -9.43 -26.48 -1.29
CA ASP A 23 -9.17 -26.89 -2.66
C ASP A 23 -8.49 -25.73 -3.45
N VAL A 24 -8.92 -24.51 -3.19
CA VAL A 24 -8.27 -23.37 -3.90
C VAL A 24 -6.82 -23.27 -3.43
N VAL A 25 -6.58 -23.46 -2.13
CA VAL A 25 -5.24 -23.38 -1.56
C VAL A 25 -4.37 -24.48 -2.18
N ARG A 26 -4.92 -25.67 -2.37
CA ARG A 26 -4.16 -26.75 -3.02
C ARG A 26 -3.75 -26.36 -4.45
N LEU A 27 -4.64 -25.70 -5.20
CA LEU A 27 -4.31 -25.26 -6.53
C LEU A 27 -3.16 -24.25 -6.51
N PHE A 28 -3.23 -23.29 -5.61
CA PHE A 28 -2.14 -22.32 -5.50
C PHE A 28 -0.83 -23.00 -5.13
N ALA A 29 -0.88 -23.96 -4.22
CA ALA A 29 0.33 -24.70 -3.83
C ALA A 29 0.92 -25.44 -5.02
N ALA A 30 0.07 -26.04 -5.86
CA ALA A 30 0.54 -26.80 -7.00
C ALA A 30 1.16 -25.84 -8.01
N GLU A 31 0.48 -24.71 -8.26
CA GLU A 31 1.02 -23.72 -9.19
C GLU A 31 2.34 -23.11 -8.72
N LEU A 32 2.46 -22.88 -7.43
CA LEU A 32 3.68 -22.27 -6.92
C LEU A 32 4.84 -23.24 -6.93
N GLY A 33 4.53 -24.52 -7.08
CA GLY A 33 5.54 -25.58 -7.16
C GLY A 33 6.02 -25.73 -8.58
N ARG A 34 5.38 -25.03 -9.50
CA ARG A 34 5.76 -25.13 -10.89
C ARG A 34 6.82 -24.11 -11.23
N GLU A 35 7.50 -24.38 -12.33
CA GLU A 35 8.49 -23.45 -12.86
C GLU A 35 7.95 -22.02 -12.87
N GLU A 36 6.77 -21.84 -13.43
CA GLU A 36 6.15 -20.53 -13.51
C GLU A 36 4.69 -20.74 -13.12
N PRO A 37 4.26 -20.26 -11.96
CA PRO A 37 2.84 -20.28 -11.68
C PRO A 37 2.02 -19.56 -12.73
N ASP A 38 0.81 -20.08 -13.03
CA ASP A 38 0.03 -19.55 -14.11
C ASP A 38 -0.83 -18.41 -13.60
N LEU A 39 -0.41 -17.15 -13.87
CA LEU A 39 -1.14 -16.00 -13.33
C LEU A 39 -2.58 -15.87 -13.83
N VAL A 40 -2.81 -16.22 -15.09
CA VAL A 40 -4.12 -16.15 -15.74
C VAL A 40 -5.07 -17.14 -15.02
N LEU A 41 -4.63 -18.40 -14.89
CA LEU A 41 -5.44 -19.39 -14.18
C LEU A 41 -5.81 -18.93 -12.80
N LEU A 42 -4.80 -18.47 -12.05
CA LEU A 42 -4.98 -18.15 -10.64
C LEU A 42 -5.89 -16.97 -10.41
N SER A 43 -5.72 -15.92 -11.20
CA SER A 43 -6.58 -14.73 -11.10
C SER A 43 -8.03 -14.98 -11.53
N LEU A 44 -8.21 -15.85 -12.51
CA LEU A 44 -9.55 -16.25 -12.93
C LEU A 44 -10.24 -17.00 -11.81
N VAL A 45 -9.51 -17.92 -11.18
CA VAL A 45 -10.08 -18.69 -10.06
C VAL A 45 -10.42 -17.75 -8.92
N LEU A 46 -9.50 -16.88 -8.53
CA LEU A 46 -9.79 -15.95 -7.44
C LEU A 46 -10.97 -15.04 -7.77
N GLY A 47 -11.04 -14.54 -9.00
CA GLY A 47 -12.13 -13.57 -9.30
C GLY A 47 -13.48 -14.30 -9.35
N PHE A 48 -13.47 -15.54 -9.80
CA PHE A 48 -14.66 -16.42 -9.83
C PHE A 48 -15.17 -16.58 -8.41
N VAL A 49 -14.28 -17.02 -7.53
CA VAL A 49 -14.77 -17.28 -6.18
C VAL A 49 -15.16 -15.98 -5.45
N GLU A 50 -14.41 -14.89 -5.64
CA GLU A 50 -14.76 -13.60 -5.08
C GLU A 50 -16.09 -13.12 -5.62
N HIS A 51 -16.37 -13.35 -6.90
CA HIS A 51 -17.63 -12.88 -7.44
C HIS A 51 -18.84 -13.55 -6.71
N PHE A 52 -18.74 -14.87 -6.57
CA PHE A 52 -19.79 -15.69 -5.96
C PHE A 52 -19.75 -15.71 -4.41
N LEU A 53 -18.78 -15.06 -3.77
CA LEU A 53 -18.77 -14.93 -2.31
C LEU A 53 -18.99 -13.51 -1.86
N ALA A 54 -18.70 -12.51 -2.71
CA ALA A 54 -18.82 -11.11 -2.31
C ALA A 54 -19.76 -10.31 -3.19
N VAL A 55 -19.79 -10.59 -4.50
CA VAL A 55 -20.58 -9.75 -5.40
C VAL A 55 -22.00 -10.25 -5.50
N ASN A 56 -22.17 -11.54 -5.66
CA ASN A 56 -23.50 -12.18 -5.79
C ASN A 56 -23.51 -13.50 -5.05
N ARG A 57 -24.02 -13.48 -3.83
CA ARG A 57 -24.14 -14.66 -2.99
C ARG A 57 -25.47 -15.42 -3.11
N VAL A 58 -26.29 -15.06 -4.07
CA VAL A 58 -27.54 -15.76 -4.26
C VAL A 58 -27.32 -17.24 -4.54
N GLY A 59 -27.95 -18.10 -3.77
CA GLY A 59 -27.79 -19.50 -4.01
C GLY A 59 -26.64 -20.15 -3.28
N LEU A 60 -25.82 -19.35 -2.66
CA LEU A 60 -24.67 -19.88 -1.93
C LEU A 60 -25.13 -20.81 -0.81
N THR A 61 -24.51 -21.95 -0.75
CA THR A 61 -24.75 -22.87 0.38
C THR A 61 -23.49 -23.24 1.18
N TYR A 62 -22.33 -23.13 0.56
CA TYR A 62 -21.08 -23.35 1.25
C TYR A 62 -19.92 -22.67 0.51
N PHE A 63 -19.71 -23.10 -0.73
CA PHE A 63 -18.56 -22.57 -1.51
C PHE A 63 -18.94 -22.67 -2.96
N PRO A 64 -18.63 -21.61 -3.77
CA PRO A 64 -18.96 -21.68 -5.17
C PRO A 64 -18.07 -22.62 -5.93
N VAL A 65 -18.55 -23.80 -6.28
CA VAL A 65 -17.73 -24.85 -6.91
C VAL A 65 -17.21 -24.36 -8.25
N ALA A 66 -15.88 -24.41 -8.40
CA ALA A 66 -15.22 -24.04 -9.66
C ALA A 66 -14.95 -25.28 -10.46
N ASP A 67 -15.83 -25.48 -11.41
CA ASP A 67 -15.70 -26.50 -12.40
C ASP A 67 -14.68 -26.14 -13.43
N LEU A 68 -13.94 -27.14 -13.86
CA LEU A 68 -12.94 -26.95 -14.88
C LEU A 68 -13.57 -26.37 -16.14
N SER A 69 -14.74 -26.87 -16.53
CA SER A 69 -15.34 -26.44 -17.79
C SER A 69 -15.55 -24.91 -17.80
N ILE A 70 -15.99 -24.35 -16.68
CA ILE A 70 -16.20 -22.92 -16.49
C ILE A 70 -14.86 -22.17 -16.51
N ILE A 71 -13.90 -22.62 -15.72
CA ILE A 71 -12.62 -21.92 -15.65
C ILE A 71 -11.87 -22.00 -16.96
N ALA A 72 -11.87 -23.18 -17.59
CA ALA A 72 -11.17 -23.37 -18.85
C ALA A 72 -11.82 -22.48 -19.94
N ALA A 73 -13.13 -22.27 -19.91
CA ALA A 73 -13.79 -21.42 -20.92
C ALA A 73 -13.37 -19.94 -20.74
N LEU A 74 -13.34 -19.48 -19.48
CA LEU A 74 -12.87 -18.12 -19.19
C LEU A 74 -11.41 -17.97 -19.62
N TYR A 75 -10.59 -18.98 -19.33
CA TYR A 75 -9.16 -18.95 -19.69
C TYR A 75 -8.98 -18.89 -21.20
N ALA A 76 -9.77 -19.68 -21.92
CA ALA A 76 -9.79 -19.62 -23.38
C ALA A 76 -10.21 -18.27 -23.90
N ARG A 77 -11.20 -17.60 -23.28
CA ARG A 77 -11.62 -16.28 -23.74
C ARG A 77 -10.43 -15.28 -23.59
N PHE A 78 -9.72 -15.36 -22.47
CA PHE A 78 -8.56 -14.51 -22.29
C PHE A 78 -7.45 -14.78 -23.32
N THR A 79 -7.02 -15.99 -23.45
CA THR A 79 -5.91 -16.27 -24.34
C THR A 79 -6.28 -16.00 -25.80
N ALA A 80 -7.55 -16.20 -26.16
CA ALA A 80 -8.02 -15.90 -27.52
C ALA A 80 -7.93 -14.41 -27.81
N GLN A 81 -8.34 -13.62 -26.84
CA GLN A 81 -8.37 -12.17 -26.99
C GLN A 81 -6.92 -11.65 -27.13
N ILE A 82 -6.01 -12.19 -26.32
CA ILE A 82 -4.62 -11.72 -26.33
C ILE A 82 -3.89 -12.23 -27.55
N ARG A 83 -3.98 -13.52 -27.83
CA ARG A 83 -3.29 -14.06 -29.05
C ARG A 83 -3.79 -13.41 -30.33
N GLY A 84 -5.09 -13.26 -30.45
CA GLY A 84 -5.67 -12.65 -31.65
C GLY A 84 -5.27 -11.19 -31.89
N ALA A 85 -5.12 -10.41 -30.83
CA ALA A 85 -4.88 -8.97 -30.95
C ALA A 85 -3.40 -8.59 -30.91
N VAL A 86 -2.58 -9.41 -30.26
CA VAL A 86 -1.10 -9.15 -30.17
C VAL A 86 -0.38 -10.16 -31.10
N ASP A 87 0.03 -9.69 -32.27
CA ASP A 87 0.85 -10.51 -33.15
C ASP A 87 2.35 -10.45 -32.88
N LEU A 88 2.91 -11.48 -32.22
CA LEU A 88 4.32 -11.51 -31.85
C LEU A 88 5.31 -11.36 -32.96
N SER A 89 5.01 -11.90 -34.15
CA SER A 89 5.94 -11.80 -35.26
C SER A 89 6.23 -10.38 -35.68
N LEU A 90 5.37 -9.43 -35.29
CA LEU A 90 5.63 -8.03 -35.61
C LEU A 90 6.68 -7.42 -34.66
N TYR A 91 6.99 -8.13 -33.57
CA TYR A 91 7.86 -7.62 -32.47
C TYR A 91 8.90 -8.66 -32.10
N PRO A 92 9.89 -8.85 -32.98
CA PRO A 92 10.90 -9.90 -32.80
C PRO A 92 11.62 -9.79 -31.47
N ARG A 93 11.78 -10.91 -30.75
CA ARG A 93 12.41 -10.86 -29.45
C ARG A 93 13.93 -10.94 -29.54
N GLU A 94 14.54 -9.77 -29.52
CA GLU A 94 15.98 -9.61 -29.58
C GLU A 94 16.56 -10.08 -28.25
N GLY A 95 17.32 -11.20 -28.27
CA GLY A 95 18.00 -11.72 -27.06
C GLY A 95 17.11 -12.48 -26.08
N GLY A 96 15.94 -12.90 -26.55
CA GLY A 96 15.00 -13.59 -25.65
C GLY A 96 14.37 -12.65 -24.62
N VAL A 97 14.40 -11.35 -24.92
CA VAL A 97 13.70 -10.35 -24.08
C VAL A 97 12.78 -9.48 -24.92
N SER A 98 11.80 -8.84 -24.24
CA SER A 98 10.75 -8.11 -24.89
C SER A 98 11.16 -6.69 -25.22
N SER A 99 10.49 -6.11 -26.17
CA SER A 99 10.74 -4.74 -26.56
C SER A 99 9.69 -3.80 -25.99
N ARG A 100 10.04 -2.50 -25.90
CA ARG A 100 9.11 -1.53 -25.43
C ARG A 100 7.85 -1.45 -26.29
N GLU A 101 8.01 -1.62 -27.60
CA GLU A 101 6.85 -1.62 -28.50
C GLU A 101 5.87 -2.76 -28.21
N LEU A 102 6.43 -3.93 -27.89
CA LEU A 102 5.64 -5.11 -27.57
C LEU A 102 4.86 -4.90 -26.28
N VAL A 103 5.54 -4.36 -25.28
CA VAL A 103 4.88 -4.05 -23.98
C VAL A 103 3.76 -3.04 -24.15
N LYS A 104 4.01 -2.02 -24.97
CA LYS A 104 3.00 -1.00 -25.27
C LYS A 104 1.80 -1.55 -26.00
N LYS A 105 2.05 -2.47 -26.92
CA LYS A 105 0.98 -3.14 -27.63
C LYS A 105 0.08 -3.96 -26.71
N VAL A 106 0.67 -4.71 -25.79
CA VAL A 106 -0.12 -5.48 -24.86
C VAL A 106 -0.93 -4.55 -23.97
N SER A 107 -0.30 -3.47 -23.48
CA SER A 107 -1.01 -2.50 -22.68
C SER A 107 -2.22 -1.93 -23.48
N ASP A 108 -1.96 -1.57 -24.74
CA ASP A 108 -3.03 -1.01 -25.57
C ASP A 108 -4.20 -1.99 -25.72
N VAL A 109 -3.86 -3.27 -25.93
CA VAL A 109 -4.89 -4.31 -26.07
C VAL A 109 -5.76 -4.43 -24.81
N ILE A 110 -5.14 -4.38 -23.66
CA ILE A 110 -5.92 -4.45 -22.42
C ILE A 110 -6.79 -3.21 -22.29
N TRP A 111 -6.16 -2.07 -22.47
CA TRP A 111 -6.84 -0.77 -22.33
C TRP A 111 -8.03 -0.64 -23.25
N ASN A 112 -7.82 -0.99 -24.50
CA ASN A 112 -8.87 -0.84 -25.50
C ASN A 112 -10.04 -1.83 -25.33
N SER A 113 -9.84 -2.88 -24.55
CA SER A 113 -10.91 -3.82 -24.22
C SER A 113 -11.86 -3.34 -23.12
N LEU A 114 -11.48 -2.32 -22.37
CA LEU A 114 -12.26 -1.89 -21.21
C LEU A 114 -13.51 -1.09 -21.61
N SER A 115 -14.56 -1.22 -20.81
CA SER A 115 -15.78 -0.43 -20.96
C SER A 115 -15.39 1.03 -21.00
N ARG A 116 -16.12 1.79 -21.83
CA ARG A 116 -15.80 3.19 -22.09
C ARG A 116 -15.86 4.04 -20.83
N SER A 117 -16.86 3.77 -20.00
CA SER A 117 -17.12 4.57 -18.82
C SER A 117 -17.53 3.62 -17.72
N TYR A 118 -16.90 3.75 -16.56
CA TYR A 118 -17.33 3.04 -15.36
C TYR A 118 -16.62 3.65 -14.18
N PHE A 119 -17.04 3.25 -12.97
CA PHE A 119 -16.46 3.78 -11.74
C PHE A 119 -15.18 3.05 -11.39
N LYS A 120 -14.04 3.72 -11.53
CA LYS A 120 -12.75 3.03 -11.46
C LYS A 120 -12.37 2.62 -10.07
N ASP A 121 -13.07 3.17 -9.08
CA ASP A 121 -12.78 2.98 -7.67
C ASP A 121 -13.61 1.86 -7.05
N ARG A 122 -14.41 1.17 -7.85
CA ARG A 122 -15.28 0.09 -7.37
C ARG A 122 -14.48 -1.09 -6.82
N ALA A 123 -15.10 -1.81 -5.89
CA ALA A 123 -14.58 -3.07 -5.43
C ALA A 123 -14.79 -4.14 -6.49
N HIS A 124 -13.96 -5.15 -6.44
CA HIS A 124 -14.14 -6.33 -7.23
C HIS A 124 -13.90 -6.18 -8.73
N ILE A 125 -13.10 -5.20 -9.13
CA ILE A 125 -12.72 -5.10 -10.53
C ILE A 125 -11.22 -5.29 -10.76
N GLN A 126 -10.59 -6.01 -9.86
CA GLN A 126 -9.15 -6.20 -9.89
C GLN A 126 -8.64 -7.41 -10.67
N SER A 127 -9.50 -8.39 -10.90
CA SER A 127 -9.08 -9.73 -11.38
C SER A 127 -9.32 -9.90 -12.86
N LEU A 128 -8.76 -10.95 -13.47
CA LEU A 128 -9.06 -11.21 -14.87
C LEU A 128 -10.51 -11.72 -15.04
N PHE A 129 -11.16 -12.18 -13.95
CA PHE A 129 -12.58 -12.54 -14.04
C PHE A 129 -13.39 -11.26 -14.33
N SER A 130 -13.04 -10.17 -13.68
CA SER A 130 -13.69 -8.90 -13.97
C SER A 130 -13.39 -8.40 -15.38
N PHE A 131 -12.14 -8.55 -15.80
CA PHE A 131 -11.78 -8.18 -17.19
C PHE A 131 -12.60 -8.89 -18.23
N ILE A 132 -12.75 -10.21 -18.06
CA ILE A 132 -13.44 -11.02 -19.06
C ILE A 132 -14.96 -10.84 -18.96
N THR A 133 -15.53 -10.90 -17.76
CA THR A 133 -16.99 -10.96 -17.67
C THR A 133 -17.61 -9.55 -17.65
N GLY A 134 -16.85 -8.55 -17.22
CA GLY A 134 -17.35 -7.18 -17.03
C GLY A 134 -16.66 -6.09 -17.84
N THR A 135 -15.62 -6.46 -18.56
CA THR A 135 -14.71 -5.52 -19.24
C THR A 135 -14.33 -4.30 -18.40
N LYS A 136 -14.05 -4.56 -17.12
CA LYS A 136 -13.70 -3.56 -16.14
C LYS A 136 -12.47 -3.98 -15.33
N LEU A 137 -11.53 -3.05 -15.23
CA LEU A 137 -10.40 -3.19 -14.32
C LEU A 137 -10.11 -1.87 -13.62
N ASP A 138 -9.63 -1.98 -12.40
CA ASP A 138 -9.01 -0.88 -11.69
C ASP A 138 -7.60 -0.64 -12.11
N SER A 139 -6.99 0.45 -11.60
CA SER A 139 -5.68 0.86 -12.12
C SER A 139 -4.60 -0.22 -12.12
N SER A 140 -4.36 -0.76 -10.95
CA SER A 140 -3.33 -1.73 -10.83
C SER A 140 -3.78 -3.03 -11.43
N GLY A 141 -5.09 -3.28 -11.54
CA GLY A 141 -5.61 -4.45 -12.25
C GLY A 141 -5.21 -4.44 -13.72
N VAL A 142 -5.19 -3.26 -14.33
CA VAL A 142 -4.68 -3.20 -15.70
C VAL A 142 -3.20 -3.65 -15.79
N ALA A 143 -2.36 -3.12 -14.91
CA ALA A 143 -0.99 -3.56 -14.87
C ALA A 143 -0.81 -5.05 -14.68
N PHE A 144 -1.56 -5.62 -13.74
CA PHE A 144 -1.51 -7.05 -13.53
C PHE A 144 -1.95 -7.84 -14.76
N ALA A 145 -2.98 -7.33 -15.43
CA ALA A 145 -3.50 -7.98 -16.65
C ALA A 145 -2.46 -7.94 -17.80
N VAL A 146 -1.70 -6.84 -17.86
CA VAL A 146 -0.63 -6.74 -18.85
C VAL A 146 0.41 -7.81 -18.58
N VAL A 147 0.78 -8.02 -17.31
CA VAL A 147 1.74 -9.04 -16.95
C VAL A 147 1.20 -10.45 -17.24
N GLY A 148 -0.05 -10.70 -16.87
CA GLY A 148 -0.67 -11.99 -17.18
C GLY A 148 -0.71 -12.28 -18.68
N ALA A 149 -1.09 -11.26 -19.45
CA ALA A 149 -1.11 -11.38 -20.91
C ALA A 149 0.28 -11.68 -21.44
N CYS A 150 1.29 -10.98 -20.94
CA CYS A 150 2.63 -11.24 -21.42
C CYS A 150 3.06 -12.64 -21.05
N GLN A 151 2.74 -13.13 -19.86
CA GLN A 151 3.10 -14.50 -19.53
C GLN A 151 2.44 -15.51 -20.48
N ALA A 152 1.19 -15.27 -20.83
CA ALA A 152 0.46 -16.19 -21.68
C ALA A 152 1.10 -16.19 -23.06
N LEU A 153 1.66 -15.07 -23.47
CA LEU A 153 2.41 -14.95 -24.72
C LEU A 153 3.82 -15.51 -24.69
N GLY A 154 4.30 -16.02 -23.55
CA GLY A 154 5.67 -16.52 -23.42
C GLY A 154 6.77 -15.52 -23.09
N LEU A 155 6.37 -14.32 -22.67
CA LEU A 155 7.29 -13.20 -22.42
C LEU A 155 7.76 -13.23 -20.95
N ARG A 156 8.75 -14.06 -20.69
CA ARG A 156 9.09 -14.40 -19.33
C ARG A 156 9.74 -13.21 -18.58
N ASP A 157 10.17 -12.20 -19.33
CA ASP A 157 10.91 -11.10 -18.76
C ASP A 157 10.00 -9.96 -18.28
N VAL A 158 8.71 -10.00 -18.61
CA VAL A 158 7.82 -8.90 -18.23
C VAL A 158 7.28 -9.16 -16.84
N HIS A 159 7.52 -8.22 -15.91
CA HIS A 159 7.14 -8.41 -14.52
C HIS A 159 6.50 -7.14 -13.96
N LEU A 160 5.70 -7.36 -12.93
CA LEU A 160 5.00 -6.28 -12.29
C LEU A 160 5.92 -5.52 -11.35
N ALA A 161 5.82 -4.18 -11.42
CA ALA A 161 6.57 -3.29 -10.54
C ALA A 161 5.49 -2.57 -9.71
N LEU A 162 5.77 -2.39 -8.42
CA LEU A 162 4.83 -1.82 -7.50
C LEU A 162 5.50 -0.81 -6.60
N SER A 163 4.90 0.35 -6.48
CA SER A 163 5.19 1.25 -5.36
C SER A 163 4.10 1.17 -4.32
N GLU A 164 4.02 2.12 -3.40
CA GLU A 164 2.99 2.09 -2.41
C GLU A 164 1.67 2.67 -2.92
N ASP A 165 1.64 3.29 -4.12
CA ASP A 165 0.41 3.82 -4.68
C ASP A 165 0.29 3.70 -6.22
N HIS A 166 1.13 2.90 -6.82
CA HIS A 166 1.09 2.78 -8.27
C HIS A 166 1.69 1.44 -8.72
N ALA A 167 1.46 1.10 -9.97
CA ALA A 167 1.98 -0.10 -10.55
C ALA A 167 2.35 0.13 -11.99
N TRP A 168 3.37 -0.60 -12.43
CA TRP A 168 3.84 -0.55 -13.82
C TRP A 168 4.60 -1.84 -14.08
N VAL A 169 5.25 -1.98 -15.24
CA VAL A 169 6.06 -3.16 -15.50
C VAL A 169 7.54 -2.92 -15.71
N VAL A 170 8.32 -3.95 -15.44
CA VAL A 170 9.72 -4.00 -15.78
C VAL A 170 9.92 -5.07 -16.85
N PHE A 171 10.94 -4.93 -17.67
CA PHE A 171 11.11 -5.86 -18.77
C PHE A 171 12.49 -5.65 -19.39
N GLY A 172 12.80 -6.47 -20.40
CA GLY A 172 13.93 -6.16 -21.28
C GLY A 172 15.22 -6.73 -20.71
N PRO A 173 16.36 -6.27 -21.27
CA PRO A 173 17.66 -6.79 -20.88
C PRO A 173 17.89 -6.59 -19.42
N ASN A 174 18.23 -7.70 -18.77
CA ASN A 174 18.41 -7.73 -17.31
C ASN A 174 17.19 -7.27 -16.50
N GLY A 175 16.01 -7.21 -17.12
CA GLY A 175 14.83 -6.63 -16.50
C GLY A 175 15.03 -5.20 -16.05
N GLU A 176 15.87 -4.48 -16.79
CA GLU A 176 16.21 -3.13 -16.39
C GLU A 176 15.35 -2.00 -16.92
N GLN A 177 14.53 -2.28 -17.92
CA GLN A 177 13.63 -1.30 -18.45
C GLN A 177 12.35 -1.15 -17.63
N THR A 178 11.80 0.07 -17.60
CA THR A 178 10.49 0.29 -17.00
C THR A 178 9.50 0.82 -18.00
N ALA A 179 8.23 0.43 -17.86
CA ALA A 179 7.22 1.04 -18.68
C ALA A 179 5.91 1.26 -17.94
N GLU A 180 5.37 2.45 -18.06
CA GLU A 180 4.03 2.74 -17.62
C GLU A 180 3.04 1.97 -18.50
N VAL A 181 2.05 1.34 -17.86
CA VAL A 181 1.01 0.59 -18.59
C VAL A 181 -0.40 0.91 -18.15
N THR A 182 -0.58 1.68 -17.10
CA THR A 182 -1.86 2.03 -16.61
C THR A 182 -1.91 3.51 -16.16
N TRP A 183 -3.04 3.96 -15.67
CA TRP A 183 -3.23 5.31 -15.22
C TRP A 183 -2.90 5.40 -13.72
N HIS A 184 -2.71 6.62 -13.24
CA HIS A 184 -2.52 6.84 -11.83
C HIS A 184 -3.47 7.89 -11.36
N GLY A 185 -4.20 7.58 -10.31
CA GLY A 185 -5.08 8.54 -9.66
C GLY A 185 -6.21 8.93 -10.58
N LYS A 186 -6.60 10.19 -10.49
CA LYS A 186 -7.79 10.69 -11.15
C LYS A 186 -7.42 12.06 -11.63
N GLY A 187 -7.61 12.32 -12.91
CA GLY A 187 -7.32 13.63 -13.47
C GLY A 187 -5.83 13.90 -13.57
N ASN A 188 -5.03 12.85 -13.41
CA ASN A 188 -3.63 12.93 -13.76
C ASN A 188 -3.50 12.61 -15.23
N GLU A 189 -2.39 13.07 -15.79
CA GLU A 189 -2.09 12.89 -17.18
C GLU A 189 -1.27 11.62 -17.34
N ASP A 190 -1.70 10.87 -18.36
CA ASP A 190 -1.20 9.55 -18.73
C ASP A 190 0.26 9.54 -19.18
N ARG A 191 1.06 8.57 -18.71
CA ARG A 191 2.46 8.46 -19.20
C ARG A 191 2.74 7.08 -19.83
N ARG A 192 1.66 6.41 -20.28
CA ARG A 192 1.75 5.05 -20.79
C ARG A 192 2.83 4.94 -21.82
N GLY A 193 3.65 3.91 -21.69
CA GLY A 193 4.72 3.65 -22.62
C GLY A 193 6.04 4.23 -22.22
N GLN A 194 6.03 5.21 -21.29
CA GLN A 194 7.26 5.89 -20.84
C GLN A 194 7.89 5.15 -19.68
N THR A 195 9.14 5.46 -19.41
CA THR A 195 9.83 5.01 -18.22
C THR A 195 9.30 5.75 -17.02
N VAL A 196 9.73 5.26 -15.84
CA VAL A 196 9.48 5.95 -14.61
C VAL A 196 10.70 6.76 -14.10
N ASN A 197 11.71 6.94 -14.93
CA ASN A 197 12.91 7.65 -14.45
C ASN A 197 12.78 9.08 -14.03
N ALA A 198 11.91 9.84 -14.65
CA ALA A 198 11.67 11.21 -14.19
C ALA A 198 11.12 11.25 -12.79
N GLY A 199 10.23 10.30 -12.49
CA GLY A 199 9.63 10.26 -11.16
C GLY A 199 10.60 9.80 -10.12
N VAL A 200 11.45 8.84 -10.49
CA VAL A 200 12.54 8.44 -9.58
C VAL A 200 13.48 9.64 -9.34
N ALA A 201 13.90 10.30 -10.42
CA ALA A 201 14.82 11.41 -10.32
C ALA A 201 14.26 12.57 -9.47
N GLU A 202 12.95 12.79 -9.46
CA GLU A 202 12.43 13.89 -8.66
C GLU A 202 12.23 13.56 -7.19
N ARG A 203 12.52 12.33 -6.82
CA ARG A 203 12.43 11.89 -5.43
C ARG A 203 11.01 11.98 -4.90
N SER A 204 10.00 11.69 -5.74
CA SER A 204 8.63 11.61 -5.29
C SER A 204 8.39 10.34 -4.46
N TRP A 205 7.41 10.41 -3.56
CA TRP A 205 6.96 9.20 -2.92
C TRP A 205 6.45 8.14 -3.91
N LEU A 206 5.77 8.61 -4.95
CA LEU A 206 5.09 7.71 -5.87
C LEU A 206 6.03 6.64 -6.47
N TYR A 207 7.29 7.01 -6.69
CA TYR A 207 8.27 6.09 -7.26
C TYR A 207 9.37 5.63 -6.32
N LEU A 208 9.20 6.01 -5.03
CA LEU A 208 9.99 5.53 -3.94
C LEU A 208 11.49 5.68 -4.13
N LYS A 209 11.94 6.71 -4.83
CA LYS A 209 13.39 6.92 -5.08
C LYS A 209 14.07 5.72 -5.76
N GLY A 210 13.22 4.92 -6.43
CA GLY A 210 13.64 3.74 -7.10
C GLY A 210 13.61 2.46 -6.28
N SER A 211 13.24 2.57 -5.02
CA SER A 211 13.18 1.41 -4.08
C SER A 211 11.78 0.79 -4.08
N TYR A 212 11.25 0.64 -5.30
CA TYR A 212 9.95 -0.01 -5.54
C TYR A 212 10.16 -1.52 -5.66
N MET A 213 9.06 -2.26 -5.63
CA MET A 213 9.12 -3.72 -5.77
C MET A 213 9.22 -4.10 -7.22
N ARG A 214 10.18 -4.97 -7.50
CA ARG A 214 10.32 -5.63 -8.80
C ARG A 214 9.96 -7.09 -8.59
N CYS A 215 8.73 -7.43 -8.96
CA CYS A 215 8.23 -8.77 -8.67
C CYS A 215 8.81 -9.84 -9.53
N ASP A 216 9.04 -11.01 -8.96
CA ASP A 216 9.12 -12.23 -9.72
C ASP A 216 7.71 -12.85 -9.85
N ARG A 217 7.59 -14.02 -10.49
CA ARG A 217 6.29 -14.57 -10.68
C ARG A 217 5.61 -14.92 -9.39
N LYS A 218 6.37 -15.33 -8.39
CA LYS A 218 5.76 -15.72 -7.12
C LYS A 218 5.23 -14.51 -6.34
N MET A 219 5.93 -13.38 -6.46
CA MET A 219 5.47 -12.12 -5.90
C MET A 219 4.22 -11.60 -6.63
N GLU A 220 4.12 -11.90 -7.92
CA GLU A 220 2.91 -11.52 -8.65
C GLU A 220 1.70 -12.32 -8.14
N VAL A 221 1.94 -13.58 -7.80
CA VAL A 221 0.92 -14.35 -7.10
C VAL A 221 0.55 -13.68 -5.75
N ALA A 222 1.54 -13.30 -4.94
CA ALA A 222 1.29 -12.62 -3.68
C ALA A 222 0.47 -11.35 -3.92
N PHE A 223 0.73 -10.67 -5.01
CA PHE A 223 0.00 -9.43 -5.32
C PHE A 223 -1.49 -9.79 -5.52
N MET A 224 -1.82 -10.79 -6.33
CA MET A 224 -3.22 -11.14 -6.56
C MET A 224 -3.91 -11.55 -5.28
N VAL A 225 -3.18 -12.19 -4.40
CA VAL A 225 -3.76 -12.60 -3.14
C VAL A 225 -4.03 -11.39 -2.24
N CYS A 226 -3.08 -10.48 -2.14
CA CYS A 226 -3.34 -9.18 -1.44
C CYS A 226 -4.51 -8.46 -2.06
N ALA A 227 -4.67 -8.64 -3.36
CA ALA A 227 -5.73 -7.95 -4.05
C ALA A 227 -7.12 -8.51 -3.83
N ILE A 228 -7.25 -9.70 -3.27
CA ILE A 228 -8.56 -10.17 -2.91
C ILE A 228 -9.26 -9.11 -2.07
N ASN A 229 -10.53 -8.94 -2.34
CA ASN A 229 -11.38 -7.97 -1.63
C ASN A 229 -12.57 -8.66 -0.98
N PRO A 230 -12.46 -8.92 0.33
CA PRO A 230 -13.54 -9.66 1.02
C PRO A 230 -14.82 -8.82 1.22
N SER A 231 -14.77 -7.53 0.93
CA SER A 231 -15.92 -6.66 1.24
C SER A 231 -17.18 -7.04 0.50
N ILE A 232 -18.25 -7.27 1.25
CA ILE A 232 -19.55 -7.48 0.64
C ILE A 232 -20.26 -6.12 0.55
N ASP A 233 -20.20 -5.37 1.65
CA ASP A 233 -20.61 -3.94 1.63
C ASP A 233 -19.84 -3.21 2.70
N LEU A 234 -20.26 -1.97 2.98
CA LEU A 234 -19.54 -1.13 3.95
C LEU A 234 -19.43 -1.77 5.34
N HIS A 235 -20.42 -2.56 5.73
CA HIS A 235 -20.50 -3.13 7.08
C HIS A 235 -20.03 -4.57 7.16
N THR A 236 -19.93 -5.26 6.02
CA THR A 236 -19.90 -6.69 6.04
C THR A 236 -18.79 -7.25 5.18
N ASP A 237 -17.96 -8.10 5.77
CA ASP A 237 -16.97 -8.85 5.00
C ASP A 237 -17.34 -10.31 4.85
N SER A 238 -16.97 -10.92 3.72
CA SER A 238 -17.08 -12.37 3.51
C SER A 238 -16.08 -13.14 4.35
N LEU A 239 -16.56 -13.91 5.31
CA LEU A 239 -15.64 -14.68 6.15
C LEU A 239 -14.86 -15.71 5.33
N GLU A 240 -15.48 -16.20 4.26
CA GLU A 240 -14.92 -17.21 3.42
C GLU A 240 -13.72 -16.59 2.70
N LEU A 241 -13.92 -15.40 2.17
CA LEU A 241 -12.78 -14.71 1.50
C LEU A 241 -11.67 -14.31 2.43
N LEU A 242 -12.00 -13.85 3.63
CA LEU A 242 -10.98 -13.54 4.63
C LEU A 242 -10.15 -14.78 4.90
N GLN A 243 -10.83 -15.91 5.10
CA GLN A 243 -10.13 -17.17 5.38
C GLN A 243 -9.26 -17.59 4.22
N LEU A 244 -9.80 -17.52 3.01
CA LEU A 244 -8.99 -17.85 1.81
C LEU A 244 -7.76 -16.97 1.69
N GLN A 245 -7.94 -15.67 1.85
CA GLN A 245 -6.80 -14.73 1.70
C GLN A 245 -5.73 -15.04 2.77
N GLN A 246 -6.19 -15.26 3.99
CA GLN A 246 -5.31 -15.56 5.10
C GLN A 246 -4.54 -16.86 4.82
N LYS A 247 -5.25 -17.94 4.46
CA LYS A 247 -4.59 -19.19 4.13
C LYS A 247 -3.59 -19.08 3.00
N LEU A 248 -3.96 -18.35 1.96
CA LEU A 248 -3.04 -18.16 0.86
C LEU A 248 -1.81 -17.31 1.20
N LEU A 249 -2.02 -16.28 2.02
CA LEU A 249 -0.90 -15.50 2.51
C LEU A 249 0.06 -16.39 3.38
N TRP A 250 -0.47 -17.29 4.19
CA TRP A 250 0.42 -18.13 4.96
C TRP A 250 1.17 -19.11 4.07
N LEU A 251 0.52 -19.61 3.02
CA LEU A 251 1.19 -20.49 2.05
C LEU A 251 2.34 -19.79 1.44
N LEU A 252 2.08 -18.57 0.98
CA LEU A 252 3.15 -17.77 0.41
C LEU A 252 4.28 -17.46 1.38
N TYR A 253 3.91 -17.15 2.62
CA TYR A 253 4.87 -16.84 3.66
C TYR A 253 5.79 -18.05 3.90
N ASP A 254 5.21 -19.23 4.01
CA ASP A 254 5.98 -20.44 4.25
C ASP A 254 6.96 -20.76 3.16
N LEU A 255 6.61 -20.43 1.94
CA LEU A 255 7.44 -20.70 0.78
C LEU A 255 8.47 -19.63 0.54
N GLY A 256 8.40 -18.51 1.31
CA GLY A 256 9.38 -17.49 1.27
C GLY A 256 9.03 -16.31 0.41
N HIS A 257 7.83 -16.33 -0.17
CA HIS A 257 7.46 -15.38 -1.20
C HIS A 257 6.92 -14.03 -0.71
N LEU A 258 6.80 -13.87 0.59
CA LEU A 258 6.50 -12.56 1.19
C LEU A 258 7.75 -11.83 1.75
N GLU A 259 8.91 -12.48 1.66
CA GLU A 259 10.19 -11.92 2.15
C GLU A 259 10.44 -10.50 1.72
N ARG A 260 10.12 -10.17 0.48
CA ARG A 260 10.39 -8.88 -0.13
C ARG A 260 9.06 -8.11 -0.36
N TYR A 261 8.05 -8.40 0.43
CA TYR A 261 6.73 -7.81 0.19
C TYR A 261 6.18 -7.23 1.52
N PRO A 262 6.75 -6.09 1.96
CA PRO A 262 6.29 -5.46 3.20
C PRO A 262 4.79 -5.36 3.37
N MET A 263 4.06 -4.84 2.35
CA MET A 263 2.64 -4.64 2.52
C MET A 263 1.80 -5.91 2.70
N ALA A 264 2.29 -7.03 2.13
CA ALA A 264 1.62 -8.31 2.25
C ALA A 264 1.75 -8.77 3.67
N LEU A 265 2.92 -8.52 4.26
CA LEU A 265 3.12 -8.91 5.69
C LEU A 265 2.19 -8.09 6.61
N GLY A 266 2.00 -6.79 6.35
CA GLY A 266 1.03 -6.01 7.08
C GLY A 266 -0.38 -6.51 6.88
N ASN A 267 -0.78 -6.84 5.64
CA ASN A 267 -2.13 -7.41 5.37
C ASN A 267 -2.36 -8.67 6.17
N LEU A 268 -1.33 -9.50 6.20
CA LEU A 268 -1.40 -10.78 6.91
C LEU A 268 -1.55 -10.47 8.41
N ALA A 269 -0.79 -9.51 8.88
CA ALA A 269 -0.88 -9.10 10.32
C ALA A 269 -2.31 -8.59 10.67
N ASP A 270 -2.90 -7.78 9.79
CA ASP A 270 -4.20 -7.27 10.01
C ASP A 270 -5.22 -8.44 10.05
N LEU A 271 -5.03 -9.45 9.20
CA LEU A 271 -5.94 -10.60 9.19
C LEU A 271 -5.81 -11.42 10.49
N GLU A 272 -4.59 -11.58 10.95
CA GLU A 272 -4.31 -12.32 12.20
C GLU A 272 -4.89 -11.58 13.40
N GLU A 273 -4.89 -10.26 13.35
CA GLU A 273 -5.48 -9.47 14.44
C GLU A 273 -6.96 -9.77 14.51
N LEU A 274 -7.57 -9.90 13.35
CA LEU A 274 -9.02 -10.16 13.26
C LEU A 274 -9.36 -11.57 13.70
N GLU A 275 -8.55 -12.53 13.29
CA GLU A 275 -8.81 -13.93 13.57
C GLU A 275 -7.52 -14.72 13.62
N PRO A 276 -6.93 -14.84 14.79
CA PRO A 276 -5.63 -15.46 14.83
C PRO A 276 -5.62 -16.95 14.50
N THR A 277 -4.58 -17.37 13.82
CA THR A 277 -4.35 -18.75 13.45
C THR A 277 -3.50 -19.36 14.55
N PRO A 278 -3.98 -20.45 15.18
CA PRO A 278 -3.14 -21.01 16.25
C PRO A 278 -1.81 -21.48 15.78
N GLY A 279 -0.78 -21.10 16.52
CA GLY A 279 0.56 -21.58 16.25
C GLY A 279 1.31 -20.70 15.29
N ARG A 280 0.74 -19.56 14.98
CA ARG A 280 1.42 -18.61 14.08
C ARG A 280 1.92 -17.39 14.86
N PRO A 281 2.87 -16.65 14.29
CA PRO A 281 3.34 -15.38 14.84
C PRO A 281 2.19 -14.42 15.15
N ASP A 282 2.33 -13.61 16.21
CA ASP A 282 1.36 -12.57 16.52
C ASP A 282 1.39 -11.44 15.48
N PRO A 283 0.30 -10.68 15.39
CA PRO A 283 0.27 -9.51 14.50
C PRO A 283 1.51 -8.62 14.72
N LEU A 284 1.86 -8.31 15.97
CA LEU A 284 3.05 -7.47 16.17
C LEU A 284 4.30 -8.00 15.52
N THR A 285 4.62 -9.30 15.65
CA THR A 285 5.74 -9.91 15.04
C THR A 285 5.73 -9.71 13.52
N LEU A 286 4.54 -9.86 12.96
CA LEU A 286 4.36 -9.70 11.52
C LEU A 286 4.52 -8.26 11.10
N TYR A 287 4.00 -7.31 11.86
CA TYR A 287 4.25 -5.92 11.46
C TYR A 287 5.73 -5.65 11.45
N HIS A 288 6.42 -6.17 12.46
CA HIS A 288 7.85 -5.93 12.52
C HIS A 288 8.64 -6.59 11.41
N LYS A 289 8.16 -7.75 10.91
CA LYS A 289 8.79 -8.40 9.81
C LYS A 289 8.58 -7.55 8.56
N GLY A 290 7.40 -6.95 8.45
CA GLY A 290 7.12 -6.04 7.31
C GLY A 290 8.12 -4.90 7.26
N ILE A 291 8.33 -4.28 8.43
CA ILE A 291 9.31 -3.25 8.60
C ILE A 291 10.75 -3.72 8.29
N ALA A 292 11.12 -4.89 8.79
CA ALA A 292 12.42 -5.46 8.50
C ALA A 292 12.64 -5.74 7.03
N SER A 293 11.57 -6.14 6.36
CA SER A 293 11.60 -6.40 4.88
C SER A 293 11.92 -5.09 4.17
N ALA A 294 11.25 -4.01 4.59
CA ALA A 294 11.50 -2.71 4.02
C ALA A 294 12.93 -2.23 4.26
N LYS A 295 13.43 -2.43 5.48
CA LYS A 295 14.79 -2.03 5.79
C LYS A 295 15.85 -2.84 5.01
N THR A 296 15.58 -4.11 4.84
CA THR A 296 16.49 -5.04 4.18
C THR A 296 16.56 -4.87 2.68
N TYR A 297 15.39 -4.75 2.04
CA TYR A 297 15.31 -4.78 0.58
C TYR A 297 15.08 -3.44 -0.10
N TYR A 298 14.55 -2.49 0.65
CA TYR A 298 14.11 -1.26 0.11
C TYR A 298 14.67 -0.01 0.77
N ARG A 299 15.84 -0.17 1.42
CA ARG A 299 16.54 0.99 2.02
C ARG A 299 15.71 1.73 3.04
N ASP A 300 14.75 1.06 3.67
CA ASP A 300 13.85 1.66 4.66
C ASP A 300 13.25 2.94 4.05
N GLU A 301 12.77 2.85 2.81
CA GLU A 301 12.15 3.99 2.09
C GLU A 301 10.63 3.87 1.91
N HIS A 302 9.99 2.93 2.61
CA HIS A 302 8.57 2.71 2.49
C HIS A 302 7.85 3.25 3.70
N ILE A 303 6.67 3.85 3.50
CA ILE A 303 5.90 4.42 4.63
C ILE A 303 4.91 3.47 5.24
N TYR A 304 4.28 2.60 4.46
CA TYR A 304 3.15 1.83 4.98
C TYR A 304 3.55 0.79 6.02
N PRO A 305 4.79 0.28 6.01
CA PRO A 305 5.13 -0.70 7.08
C PRO A 305 4.95 -0.07 8.47
N TYR A 306 5.30 1.19 8.62
CA TYR A 306 5.12 1.86 9.89
C TYR A 306 3.68 2.26 10.15
N MET A 307 2.97 2.70 9.10
CA MET A 307 1.56 3.00 9.22
C MET A 307 0.75 1.79 9.65
N TYR A 308 1.04 0.60 9.11
CA TYR A 308 0.34 -0.64 9.51
C TYR A 308 0.58 -0.83 11.03
N LEU A 309 1.85 -0.67 11.44
CA LEU A 309 2.16 -0.85 12.89
C LEU A 309 1.45 0.18 13.74
N ALA A 310 1.52 1.45 13.32
CA ALA A 310 0.88 2.52 14.09
C ALA A 310 -0.62 2.28 14.25
N GLY A 311 -1.27 1.82 13.16
CA GLY A 311 -2.72 1.57 13.18
C GLY A 311 -3.10 0.49 14.17
N TYR A 312 -2.33 -0.58 14.21
CA TYR A 312 -2.49 -1.62 15.21
C TYR A 312 -2.41 -1.03 16.61
N HIS A 313 -1.36 -0.28 16.89
CA HIS A 313 -1.24 0.31 18.23
C HIS A 313 -2.33 1.29 18.55
N CYS A 314 -2.76 2.07 17.56
CA CYS A 314 -3.92 2.94 17.69
C CYS A 314 -5.19 2.18 18.07
N ARG A 315 -5.50 1.14 17.31
CA ARG A 315 -6.72 0.35 17.59
C ARG A 315 -6.65 -0.27 18.99
N ASN A 316 -5.46 -0.52 19.49
CA ASN A 316 -5.29 -1.15 20.79
C ASN A 316 -5.03 -0.10 21.85
N ARG A 317 -5.27 1.15 21.47
CA ARG A 317 -5.10 2.33 22.35
C ARG A 317 -3.78 2.39 23.07
N ASN A 318 -2.75 1.91 22.38
CA ASN A 318 -1.42 2.02 22.86
C ASN A 318 -0.74 3.30 22.34
N VAL A 319 -0.98 4.38 23.04
CA VAL A 319 -0.63 5.70 22.54
C VAL A 319 0.86 5.85 22.34
N ARG A 320 1.67 5.38 23.30
CA ARG A 320 3.10 5.53 23.18
C ARG A 320 3.65 4.88 21.91
N GLU A 321 3.23 3.63 21.68
N GLU A 321 3.20 3.64 21.66
CA GLU A 321 3.77 2.85 20.59
CA GLU A 321 3.72 2.84 20.59
C GLU A 321 3.21 3.34 19.25
C GLU A 321 3.19 3.32 19.24
N ALA A 322 1.99 3.85 19.24
CA ALA A 322 1.42 4.42 18.00
C ALA A 322 2.17 5.70 17.62
N LEU A 323 2.43 6.55 18.61
CA LEU A 323 3.25 7.77 18.36
C LEU A 323 4.65 7.46 17.87
N GLN A 324 5.27 6.42 18.45
CA GLN A 324 6.58 6.02 17.99
C GLN A 324 6.55 5.60 16.52
N ALA A 325 5.56 4.81 16.14
CA ALA A 325 5.45 4.32 14.77
C ALA A 325 5.16 5.47 13.81
N TRP A 326 4.31 6.39 14.21
CA TRP A 326 4.07 7.57 13.35
C TRP A 326 5.31 8.45 13.25
N ALA A 327 6.05 8.64 14.34
CA ALA A 327 7.34 9.33 14.26
C ALA A 327 8.25 8.65 13.22
N ASP A 328 8.26 7.31 13.22
CA ASP A 328 9.00 6.56 12.24
C ASP A 328 8.51 6.75 10.82
N THR A 329 7.22 6.87 10.62
CA THR A 329 6.65 7.12 9.28
C THR A 329 7.23 8.46 8.81
N ALA A 330 7.26 9.42 9.73
CA ALA A 330 7.78 10.76 9.33
C ALA A 330 9.25 10.79 9.06
N THR A 331 10.01 9.93 9.74
CA THR A 331 11.42 9.89 9.52
C THR A 331 11.73 9.30 8.13
N VAL A 332 10.85 8.47 7.62
CA VAL A 332 10.96 8.01 6.22
C VAL A 332 10.65 9.13 5.25
N ILE A 333 9.50 9.77 5.48
CA ILE A 333 9.00 10.74 4.50
C ILE A 333 9.92 11.94 4.39
N GLN A 334 10.71 12.22 5.40
CA GLN A 334 11.53 13.46 5.43
C GLN A 334 12.53 13.54 4.28
N ASP A 335 12.95 12.39 3.75
CA ASP A 335 13.94 12.36 2.68
C ASP A 335 13.36 12.30 1.29
N TYR A 336 12.07 12.55 1.16
CA TYR A 336 11.34 12.67 -0.11
C TYR A 336 11.06 14.12 -0.39
N ASN A 337 10.78 14.40 -1.68
CA ASN A 337 10.18 15.68 -2.09
C ASN A 337 8.72 15.45 -2.32
N TYR A 338 7.86 16.35 -1.85
CA TYR A 338 6.44 16.24 -2.03
C TYR A 338 6.09 16.72 -3.42
N CYS A 339 5.71 15.78 -4.28
CA CYS A 339 5.48 16.09 -5.69
C CYS A 339 4.00 15.94 -6.06
N ARG A 340 3.72 16.51 -7.26
CA ARG A 340 2.49 16.29 -8.03
C ARG A 340 2.39 14.73 -8.13
N GLU A 341 1.21 14.23 -7.77
CA GLU A 341 0.86 12.80 -7.76
C GLU A 341 1.21 12.03 -6.48
N ASP A 342 1.64 12.75 -5.45
CA ASP A 342 1.88 12.12 -4.11
C ASP A 342 0.68 12.36 -3.13
N GLU A 343 -0.46 12.80 -3.64
CA GLU A 343 -1.55 13.27 -2.77
C GLU A 343 -2.05 12.20 -1.80
N GLU A 344 -1.94 10.93 -2.15
CA GLU A 344 -2.47 9.88 -1.23
C GLU A 344 -1.70 9.84 0.09
N ILE A 345 -0.38 10.06 0.02
CA ILE A 345 0.43 10.02 1.27
C ILE A 345 0.25 11.31 2.07
N TYR A 346 0.05 12.44 1.38
CA TYR A 346 -0.32 13.66 2.02
C TYR A 346 -1.63 13.44 2.79
N LYS A 347 -2.62 12.78 2.18
CA LYS A 347 -3.88 12.54 2.85
C LYS A 347 -3.71 11.68 4.09
N GLU A 348 -2.83 10.69 4.01
CA GLU A 348 -2.57 9.82 5.17
C GLU A 348 -1.92 10.64 6.30
N PHE A 349 -0.87 11.41 5.99
CA PHE A 349 -0.27 12.24 7.03
C PHE A 349 -1.26 13.26 7.62
N PHE A 350 -2.08 13.90 6.77
CA PHE A 350 -3.03 14.87 7.24
C PHE A 350 -4.04 14.27 8.25
N GLU A 351 -4.56 13.11 7.88
CA GLU A 351 -5.55 12.41 8.71
C GLU A 351 -4.90 11.99 10.03
N VAL A 352 -3.65 11.53 10.00
CA VAL A 352 -2.99 11.16 11.28
C VAL A 352 -2.79 12.38 12.18
N ALA A 353 -2.27 13.46 11.59
CA ALA A 353 -1.98 14.65 12.36
C ALA A 353 -3.19 15.36 12.85
N ASN A 354 -4.21 15.46 11.99
CA ASN A 354 -5.34 16.31 12.22
C ASN A 354 -6.65 15.66 12.62
N ASP A 355 -6.64 14.34 12.69
CA ASP A 355 -7.79 13.58 13.17
C ASP A 355 -7.41 12.48 14.18
N VAL A 356 -6.53 11.59 13.77
CA VAL A 356 -6.29 10.38 14.55
C VAL A 356 -5.56 10.74 15.81
N ILE A 357 -4.44 11.47 15.70
CA ILE A 357 -3.70 11.84 16.92
C ILE A 357 -4.55 12.69 17.84
N PRO A 358 -5.23 13.71 17.34
CA PRO A 358 -6.07 14.49 18.26
C PRO A 358 -7.12 13.65 19.02
N ASN A 359 -7.72 12.71 18.35
CA ASN A 359 -8.74 11.87 19.02
C ASN A 359 -8.11 10.97 20.04
N LEU A 360 -6.92 10.45 19.73
CA LEU A 360 -6.18 9.60 20.68
C LEU A 360 -5.82 10.39 21.91
N LEU A 361 -5.35 11.63 21.74
CA LEU A 361 -4.89 12.37 22.86
C LEU A 361 -6.05 12.96 23.67
N LYS A 362 -7.18 13.21 23.00
CA LYS A 362 -8.40 13.64 23.71
C LYS A 362 -8.83 12.58 24.70
N GLU A 363 -8.85 11.35 24.24
CA GLU A 363 -9.20 10.23 25.13
C GLU A 363 -8.13 10.08 26.21
N ALA A 364 -6.86 10.20 25.83
CA ALA A 364 -5.81 10.11 26.89
C ALA A 364 -6.00 11.20 27.93
N ALA A 365 -6.41 12.40 27.53
CA ALA A 365 -6.63 13.46 28.47
C ALA A 365 -7.75 13.10 29.47
N SER A 366 -8.84 12.56 28.97
CA SER A 366 -9.96 12.19 29.80
C SER A 366 -9.53 11.12 30.77
N LEU A 367 -8.71 10.20 30.29
CA LEU A 367 -8.28 9.07 31.14
C LEU A 367 -7.31 9.58 32.20
N LEU A 368 -6.44 10.53 31.82
CA LEU A 368 -5.55 11.17 32.80
C LEU A 368 -6.36 11.87 33.89
N GLU A 369 -7.41 12.58 33.51
CA GLU A 369 -8.26 13.26 34.52
C GLU A 369 -8.82 12.23 35.48
N ALA A 370 -9.06 11.04 34.98
CA ALA A 370 -9.58 9.98 35.80
C ALA A 370 -8.52 9.20 36.53
N GLY A 371 -7.27 9.61 36.48
CA GLY A 371 -6.28 8.93 37.28
C GLY A 371 -5.37 7.94 36.62
N SER A 372 -5.33 7.87 35.30
CA SER A 372 -4.44 6.90 34.72
C SER A 372 -3.02 7.09 35.14
N GLN A 373 -2.30 5.98 35.21
CA GLN A 373 -0.89 5.93 35.48
C GLN A 373 -0.21 5.47 34.23
N GLY A 374 1.03 5.94 34.09
CA GLY A 374 1.87 5.59 32.96
C GLY A 374 1.39 6.24 31.66
N SER A 375 0.53 7.26 31.79
CA SER A 375 -0.09 7.90 30.61
C SER A 375 0.96 8.40 29.62
N ALA A 376 0.70 8.24 28.32
CA ALA A 376 1.55 8.89 27.31
C ALA A 376 1.71 10.36 27.60
N LEU A 377 0.65 11.00 28.15
CA LEU A 377 0.63 12.45 28.32
C LEU A 377 1.58 12.90 29.45
N GLN A 378 1.95 11.96 30.30
CA GLN A 378 3.01 12.24 31.30
C GLN A 378 4.36 11.68 30.96
N ASP A 379 4.50 11.16 29.74
CA ASP A 379 5.76 10.59 29.30
C ASP A 379 6.47 11.51 28.33
N PRO A 380 7.58 12.12 28.76
CA PRO A 380 8.30 12.95 27.81
C PRO A 380 8.78 12.25 26.52
N GLU A 381 9.02 10.93 26.53
CA GLU A 381 9.40 10.23 25.28
C GLU A 381 8.23 10.24 24.29
N CYS A 382 7.01 10.22 24.79
CA CYS A 382 5.85 10.36 23.92
C CYS A 382 5.72 11.75 23.35
N PHE A 383 5.98 12.77 24.17
CA PHE A 383 6.04 14.15 23.61
C PHE A 383 7.13 14.21 22.53
N ALA A 384 8.30 13.62 22.78
CA ALA A 384 9.38 13.60 21.76
C ALA A 384 8.90 12.94 20.45
N HIS A 385 8.15 11.85 20.54
CA HIS A 385 7.67 11.15 19.32
C HIS A 385 6.77 12.13 18.54
N LEU A 386 5.89 12.81 19.26
CA LEU A 386 5.00 13.81 18.63
C LEU A 386 5.83 14.86 17.91
N LEU A 387 6.85 15.38 18.57
CA LEU A 387 7.74 16.36 17.93
C LEU A 387 8.48 15.79 16.73
N ARG A 388 8.96 14.54 16.82
CA ARG A 388 9.67 13.91 15.70
C ARG A 388 8.76 13.74 14.47
N PHE A 389 7.50 13.41 14.71
CA PHE A 389 6.49 13.29 13.65
C PHE A 389 6.40 14.63 12.92
N TYR A 390 6.21 15.71 13.64
CA TYR A 390 6.12 17.00 12.96
C TYR A 390 7.42 17.39 12.30
N ASP A 391 8.56 17.06 12.93
CA ASP A 391 9.85 17.37 12.33
C ASP A 391 9.99 16.72 10.95
N GLY A 392 9.57 15.47 10.82
CA GLY A 392 9.77 14.75 9.56
C GLY A 392 8.89 15.38 8.49
N ILE A 393 7.69 15.76 8.87
CA ILE A 393 6.78 16.39 7.94
C ILE A 393 7.35 17.74 7.49
N CYS A 394 7.86 18.53 8.42
CA CYS A 394 8.47 19.79 8.01
C CYS A 394 9.69 19.55 7.11
N LYS A 395 10.51 18.56 7.40
CA LYS A 395 11.69 18.27 6.58
C LYS A 395 11.29 17.80 5.15
N TRP A 396 10.26 16.98 5.04
CA TRP A 396 9.62 16.59 3.77
C TRP A 396 9.36 17.78 2.92
N GLU A 397 8.78 18.78 3.53
CA GLU A 397 8.34 19.98 2.80
C GLU A 397 9.55 20.73 2.26
N GLU A 398 10.70 20.65 2.92
CA GLU A 398 11.86 21.46 2.48
C GLU A 398 12.34 20.97 1.11
N GLY A 399 12.51 21.91 0.19
CA GLY A 399 13.00 21.52 -1.12
C GLY A 399 11.93 20.95 -2.05
N SER A 400 10.72 20.79 -1.56
CA SER A 400 9.64 20.21 -2.36
C SER A 400 9.05 21.23 -3.34
N PRO A 401 8.56 20.74 -4.47
CA PRO A 401 8.02 21.70 -5.44
C PRO A 401 6.65 22.26 -5.07
N THR A 402 5.94 21.59 -4.15
CA THR A 402 4.66 22.07 -3.65
C THR A 402 4.73 21.97 -2.11
N PRO A 403 4.19 23.00 -1.37
CA PRO A 403 4.24 22.98 0.10
C PRO A 403 3.32 21.93 0.73
N VAL A 404 3.53 21.64 2.01
CA VAL A 404 2.74 20.64 2.75
C VAL A 404 1.89 21.30 3.82
N LEU A 405 2.55 22.09 4.65
CA LEU A 405 1.90 22.68 5.82
C LEU A 405 1.09 23.91 5.50
N HIS A 406 0.05 24.13 6.26
CA HIS A 406 -0.77 25.36 6.15
C HIS A 406 -1.45 25.54 7.48
N VAL A 407 -2.21 26.63 7.68
CA VAL A 407 -2.68 27.01 9.01
C VAL A 407 -3.68 26.00 9.65
N GLY A 408 -4.36 25.26 8.77
CA GLY A 408 -5.24 24.14 9.17
C GLY A 408 -4.46 23.10 9.97
N TRP A 409 -3.18 22.94 9.68
CA TRP A 409 -2.37 21.97 10.45
C TRP A 409 -1.96 22.64 11.76
N ALA A 410 -1.79 23.95 11.75
CA ALA A 410 -1.33 24.64 12.95
C ALA A 410 -2.26 24.58 14.14
N THR A 411 -3.56 24.63 13.92
CA THR A 411 -4.52 24.58 15.01
C THR A 411 -4.46 23.24 15.75
N PHE A 412 -4.29 22.19 15.00
CA PHE A 412 -4.17 20.87 15.61
C PHE A 412 -2.83 20.68 16.30
N LEU A 413 -1.74 21.16 15.73
CA LEU A 413 -0.48 21.11 16.44
C LEU A 413 -0.54 21.82 17.83
N VAL A 414 -1.10 23.01 17.86
CA VAL A 414 -1.21 23.75 19.14
C VAL A 414 -2.07 22.95 20.17
N GLN A 415 -3.16 22.39 19.68
CA GLN A 415 -4.01 21.54 20.50
C GLN A 415 -3.24 20.34 21.02
N SER A 416 -2.57 19.67 20.11
CA SER A 416 -1.86 18.46 20.53
C SER A 416 -0.73 18.74 21.52
N LEU A 417 0.06 19.77 21.26
CA LEU A 417 1.10 20.15 22.19
C LEU A 417 0.55 20.45 23.58
N GLY A 418 -0.57 21.17 23.60
CA GLY A 418 -1.31 21.56 24.80
C GLY A 418 -1.77 20.39 25.67
N ARG A 419 -1.89 19.23 25.09
CA ARG A 419 -2.33 18.02 25.82
C ARG A 419 -1.27 17.54 26.81
N PHE A 420 -0.03 17.93 26.59
CA PHE A 420 1.05 17.64 27.51
C PHE A 420 1.33 18.85 28.42
N GLU A 421 1.39 18.63 29.74
CA GLU A 421 1.70 19.72 30.62
C GLU A 421 3.14 20.22 30.40
N GLY A 422 3.40 21.48 30.69
CA GLY A 422 4.74 22.07 30.57
C GLY A 422 5.82 21.32 31.31
N GLN A 423 5.51 20.77 32.46
CA GLN A 423 6.49 19.98 33.21
C GLN A 423 6.91 18.69 32.53
N VAL A 424 6.05 18.17 31.68
CA VAL A 424 6.40 17.05 30.83
C VAL A 424 7.20 17.51 29.60
N ARG A 425 6.70 18.58 28.95
CA ARG A 425 7.33 19.04 27.73
C ARG A 425 8.78 19.50 27.96
N GLN A 426 8.99 20.09 29.16
CA GLN A 426 10.30 20.64 29.52
C GLN A 426 11.38 19.54 29.66
N LYS A 427 10.98 18.29 29.90
CA LYS A 427 11.95 17.22 30.00
C LYS A 427 12.58 16.75 28.71
N VAL A 428 12.00 17.12 27.56
CA VAL A 428 12.67 16.73 26.34
C VAL A 428 13.81 17.67 26.05
N ARG A 429 14.98 17.08 25.82
CA ARG A 429 16.15 17.84 25.45
C ARG A 429 16.33 17.81 23.95
N ILE A 430 16.32 18.98 23.35
CA ILE A 430 16.48 19.12 21.93
C ILE A 430 17.94 19.49 21.67
N VAL A 431 18.66 18.53 21.10
CA VAL A 431 20.10 18.62 20.85
C VAL A 431 20.32 19.09 19.42
N SER A 432 21.17 20.08 19.25
CA SER A 432 21.55 20.58 17.96
C SER A 432 22.54 19.66 17.23
N VAL A 433 23.34 18.94 17.99
N PRO A 445 15.33 11.72 27.79
CA PRO A 445 14.68 11.99 26.51
C PRO A 445 15.39 13.06 25.69
N VAL A 446 15.87 12.67 24.51
CA VAL A 446 16.73 13.54 23.72
C VAL A 446 16.37 13.42 22.23
N LEU A 447 16.30 14.57 21.57
CA LEU A 447 15.75 14.62 20.23
C LEU A 447 16.60 15.61 19.42
N THR A 448 16.90 15.27 18.17
CA THR A 448 17.51 16.22 17.25
C THR A 448 16.52 16.49 16.16
N PHE A 449 16.33 17.76 15.85
CA PHE A 449 15.47 18.16 14.74
C PHE A 449 16.27 18.29 13.46
N GLN A 450 15.71 17.80 12.39
CA GLN A 450 16.28 17.91 11.07
C GLN A 450 15.73 19.11 10.32
N SER A 451 14.50 19.51 10.63
CA SER A 451 13.83 20.59 9.92
C SER A 451 14.13 21.95 10.50
N GLU A 452 14.28 22.96 9.66
CA GLU A 452 14.43 24.31 10.15
C GLU A 452 13.19 24.83 10.85
N LYS A 453 12.00 24.44 10.41
CA LYS A 453 10.80 24.85 11.11
C LYS A 453 10.78 24.46 12.57
N MET A 454 11.08 23.19 12.85
CA MET A 454 11.00 22.74 14.23
C MET A 454 12.18 23.31 15.04
N LYS A 455 13.36 23.50 14.41
CA LYS A 455 14.47 24.13 15.15
C LYS A 455 14.08 25.51 15.68
N GLY A 456 13.36 26.25 14.86
CA GLY A 456 12.88 27.61 15.22
C GLY A 456 11.81 27.57 16.28
N MET A 457 11.15 26.41 16.39
CA MET A 457 10.03 26.27 17.33
C MET A 457 10.45 25.88 18.71
N LYS A 458 11.70 25.52 18.88
CA LYS A 458 12.13 24.83 20.09
C LYS A 458 11.80 25.60 21.39
N GLU A 459 12.04 26.90 21.46
CA GLU A 459 11.74 27.62 22.71
C GLU A 459 10.23 27.67 23.00
N LEU A 460 9.43 27.76 21.96
CA LEU A 460 7.97 27.81 22.14
C LEU A 460 7.41 26.55 22.70
N LEU A 461 8.15 25.44 22.52
CA LEU A 461 7.59 24.11 22.80
C LEU A 461 7.57 23.77 24.27
N VAL A 462 8.24 24.56 25.11
CA VAL A 462 8.42 24.23 26.53
C VAL A 462 7.77 25.21 27.53
N ALA A 463 7.22 26.31 27.02
CA ALA A 463 6.55 27.30 27.85
C ALA A 463 5.26 26.78 28.50
N THR A 464 4.99 27.23 29.73
CA THR A 464 3.89 26.65 30.47
C THR A 464 2.62 26.92 29.68
N LYS A 465 2.58 28.09 29.06
CA LYS A 465 1.48 28.52 28.22
C LYS A 465 1.97 28.48 26.79
N ILE A 466 1.39 27.60 25.96
CA ILE A 466 1.77 27.53 24.56
C ILE A 466 1.35 28.82 23.88
N ASN A 467 2.28 29.50 23.22
CA ASN A 467 1.95 30.69 22.41
C ASN A 467 1.44 30.25 21.05
N SER A 468 0.14 30.14 20.92
CA SER A 468 -0.56 29.68 19.74
C SER A 468 -0.25 30.47 18.47
N SER A 469 -0.31 31.80 18.55
N SER A 469 -0.32 31.81 18.55
CA SER A 469 -0.03 32.61 17.39
CA SER A 469 -0.04 32.65 17.40
C SER A 469 1.41 32.46 16.92
C SER A 469 1.41 32.47 16.93
N ALA A 470 2.36 32.40 17.84
CA ALA A 470 3.79 32.27 17.45
C ALA A 470 4.02 30.89 16.81
N ILE A 471 3.41 29.86 17.37
CA ILE A 471 3.47 28.53 16.75
C ILE A 471 2.94 28.46 15.36
N LYS A 472 1.78 29.08 15.12
CA LYS A 472 1.19 29.19 13.81
C LYS A 472 2.15 29.88 12.86
N LEU A 473 2.74 31.00 13.30
CA LEU A 473 3.65 31.73 12.42
C LEU A 473 4.84 30.83 12.03
N GLN A 474 5.35 30.12 13.02
CA GLN A 474 6.54 29.27 12.78
C GLN A 474 6.24 28.06 11.87
N LEU A 475 5.06 27.43 12.03
CA LEU A 475 4.75 26.25 11.27
C LEU A 475 4.43 26.59 9.83
N THR A 476 3.88 27.78 9.56
CA THR A 476 3.35 28.09 8.23
C THR A 476 4.18 29.13 7.51
N ALA A 477 5.16 29.61 8.25
CA ALA A 477 6.15 30.59 7.88
C ALA A 477 5.43 31.80 7.28
N GLN A 478 4.27 32.09 7.89
CA GLN A 478 3.42 33.23 7.55
C GLN A 478 4.20 34.42 8.06
N SER A 479 4.34 35.41 7.23
CA SER A 479 5.31 36.47 7.49
C SER A 479 4.70 37.42 8.57
N GLN A 480 3.41 37.70 8.43
CA GLN A 480 2.73 38.82 9.11
C GLN A 480 1.48 38.48 9.89
N VAL A 481 1.15 39.28 10.88
CA VAL A 481 -0.13 39.20 11.59
C VAL A 481 -1.15 40.17 10.95
N GLN A 482 -2.34 40.24 11.49
CA GLN A 482 -3.40 41.02 10.88
C GLN A 482 -3.13 42.52 11.07
N MET A 483 -3.40 43.32 10.05
CA MET A 483 -3.06 44.75 10.07
C MET A 483 -3.73 45.52 11.21
N LYS A 484 -5.05 45.50 11.24
CA LYS A 484 -5.83 46.25 12.21
C LYS A 484 -5.92 45.48 13.55
N LYS A 485 -5.96 46.19 14.67
CA LYS A 485 -6.15 45.52 15.97
#